data_2E9A
#
_entry.id   2E9A
#
_cell.length_a   63.682
_cell.length_b   68.157
_cell.length_c   109.886
_cell.angle_alpha   90.00
_cell.angle_beta   90.00
_cell.angle_gamma   90.00
#
_symmetry.space_group_name_H-M   'P 21 21 21'
#
loop_
_entity.id
_entity.type
_entity.pdbx_description
1 polymer 'Undecaprenyl pyrophosphate synthetase'
2 non-polymer "(1-HYDROXY-1-PHOSPHONO-2-[1,1';4',1'']TERPHENYL-3-YL-ETHYL)-PHOSPHONIC ACID"
3 water water
#
_entity_poly.entity_id   1
_entity_poly.type   'polypeptide(L)'
_entity_poly.pdbx_seq_one_letter_code
;MMLSATQPLSEKLPAHGCRHVAIIMDGNGRWAKKQGKIRAFGHKAGAKSVRRAVSFAANNGIEALTLYAFSSENWNRPAQ
EVSALMELFVWALDSEVKSLHRHNVRLRIIGDTSRFNSRLQERIRKSEALTAGNTGLTLNIAANYGGRWDIVQGVRQLAE
KVQQGNLQPDQIDEEMLNQHVCMHELAPVDLVIRTGGEHRISNFLLWQIAYAELYFTDVLWPDFDEQDFEGALNAFANRE
RRFGGTEPGDETA
;
_entity_poly.pdbx_strand_id   A,B
#
# COMPACT_ATOMS: atom_id res chain seq x y z
N PRO A 14 13.92 20.37 4.03
CA PRO A 14 13.98 20.93 5.39
C PRO A 14 14.53 19.85 6.35
N ALA A 15 14.77 20.25 7.59
CA ALA A 15 15.37 19.35 8.57
C ALA A 15 14.69 17.99 8.71
N HIS A 16 13.37 17.98 8.72
CA HIS A 16 12.68 16.73 8.87
C HIS A 16 12.85 15.80 7.65
N GLY A 17 13.51 16.28 6.60
CA GLY A 17 13.72 15.45 5.42
C GLY A 17 12.48 15.01 4.64
N CYS A 18 11.33 15.56 5.02
CA CYS A 18 10.05 15.19 4.44
C CYS A 18 9.61 16.12 3.32
N ARG A 19 9.47 15.62 2.11
CA ARG A 19 9.05 16.54 1.07
C ARG A 19 7.56 16.42 0.73
N HIS A 20 6.98 15.22 0.89
CA HIS A 20 5.60 15.02 0.47
C HIS A 20 4.94 14.16 1.53
N VAL A 21 3.85 14.70 2.09
CA VAL A 21 3.04 14.04 3.13
C VAL A 21 1.63 13.79 2.60
N ALA A 22 1.11 12.59 2.83
CA ALA A 22 -0.28 12.23 2.42
C ALA A 22 -1.03 11.96 3.74
N ILE A 23 -2.25 12.50 3.87
CA ILE A 23 -3.03 12.26 5.06
C ILE A 23 -4.42 11.66 4.77
N ILE A 24 -4.75 10.57 5.46
CA ILE A 24 -6.08 9.99 5.37
C ILE A 24 -6.75 10.64 6.57
N MET A 25 -7.65 11.58 6.30
CA MET A 25 -8.38 12.31 7.35
C MET A 25 -9.64 11.52 7.75
N ASP A 26 -9.71 11.12 9.01
CA ASP A 26 -10.84 10.34 9.47
C ASP A 26 -11.18 10.67 10.93
N GLY A 27 -12.45 10.48 11.29
CA GLY A 27 -12.88 10.70 12.67
C GLY A 27 -13.74 11.92 13.00
N ASN A 28 -14.06 12.74 12.00
CA ASN A 28 -14.87 13.96 12.25
C ASN A 28 -16.23 13.61 12.86
N GLY A 29 -16.83 12.55 12.33
CA GLY A 29 -18.14 12.12 12.82
C GLY A 29 -18.07 11.61 14.24
N ARG A 30 -17.08 10.77 14.53
CA ARG A 30 -16.94 10.23 15.88
C ARG A 30 -16.74 11.39 16.83
N TRP A 31 -15.88 12.30 16.40
CA TRP A 31 -15.58 13.50 17.17
C TRP A 31 -16.90 14.24 17.54
N ALA A 32 -17.75 14.51 16.56
CA ALA A 32 -18.99 15.25 16.79
C ALA A 32 -19.88 14.50 17.78
N LYS A 33 -20.15 13.25 17.46
CA LYS A 33 -20.94 12.36 18.30
C LYS A 33 -20.47 12.35 19.77
N LYS A 34 -19.17 12.37 19.99
CA LYS A 34 -18.66 12.39 21.36
C LYS A 34 -19.04 13.67 22.09
N GLN A 35 -19.15 14.76 21.33
CA GLN A 35 -19.52 16.08 21.82
C GLN A 35 -21.06 16.16 21.94
N GLY A 36 -21.76 15.16 21.42
CA GLY A 36 -23.21 15.15 21.41
C GLY A 36 -23.73 16.03 20.28
N LYS A 37 -22.87 16.24 19.27
CA LYS A 37 -23.25 17.09 18.14
C LYS A 37 -23.45 16.34 16.84
N ILE A 38 -24.13 17.01 15.91
CA ILE A 38 -24.38 16.43 14.60
C ILE A 38 -23.20 16.55 13.63
N ARG A 39 -23.23 15.72 12.61
CA ARG A 39 -22.21 15.66 11.56
C ARG A 39 -21.80 17.01 10.99
N ALA A 40 -22.74 17.94 10.89
CA ALA A 40 -22.41 19.27 10.38
C ALA A 40 -21.31 19.93 11.22
N PHE A 41 -21.40 19.76 12.53
CA PHE A 41 -20.46 20.34 13.48
C PHE A 41 -19.08 19.74 13.25
N GLY A 42 -19.07 18.45 12.99
CA GLY A 42 -17.85 17.71 12.75
C GLY A 42 -17.22 18.19 11.45
N HIS A 43 -18.05 18.57 10.50
CA HIS A 43 -17.55 19.05 9.23
C HIS A 43 -16.94 20.43 9.42
N LYS A 44 -17.55 21.28 10.22
CA LYS A 44 -16.99 22.61 10.43
C LYS A 44 -15.61 22.43 11.09
N ALA A 45 -15.56 21.54 12.09
CA ALA A 45 -14.31 21.28 12.80
C ALA A 45 -13.26 20.64 11.88
N GLY A 46 -13.71 19.74 11.00
CA GLY A 46 -12.79 19.09 10.07
C GLY A 46 -12.16 20.05 9.08
N ALA A 47 -12.93 21.00 8.58
CA ALA A 47 -12.42 22.01 7.63
C ALA A 47 -11.39 22.89 8.36
N LYS A 48 -11.71 23.22 9.60
CA LYS A 48 -10.82 24.05 10.40
C LYS A 48 -9.49 23.29 10.59
N SER A 49 -9.57 21.97 10.72
CA SER A 49 -8.36 21.17 10.90
C SER A 49 -7.63 21.08 9.54
N VAL A 50 -8.38 21.06 8.45
CA VAL A 50 -7.71 21.06 7.14
C VAL A 50 -6.95 22.39 6.98
N ARG A 51 -7.59 23.53 7.23
CA ARG A 51 -6.91 24.80 7.09
C ARG A 51 -5.61 24.85 7.94
N ARG A 52 -5.71 24.37 9.18
CA ARG A 52 -4.53 24.36 10.06
C ARG A 52 -3.40 23.42 9.59
N ALA A 53 -3.76 22.26 9.05
CA ALA A 53 -2.74 21.31 8.54
C ALA A 53 -2.04 21.89 7.27
N VAL A 54 -2.79 22.57 6.43
CA VAL A 54 -2.23 23.17 5.23
C VAL A 54 -1.25 24.29 5.56
N SER A 55 -1.63 25.21 6.47
CA SER A 55 -0.71 26.28 6.86
C SER A 55 0.47 25.65 7.54
N PHE A 56 0.21 24.68 8.40
CA PHE A 56 1.36 24.09 9.05
C PHE A 56 2.34 23.59 8.00
N ALA A 57 1.84 22.84 7.00
CA ALA A 57 2.72 22.27 5.98
C ALA A 57 3.50 23.36 5.21
N ALA A 58 2.80 24.43 4.82
CA ALA A 58 3.42 25.53 4.06
C ALA A 58 4.51 26.16 4.91
N ASN A 59 4.19 26.50 6.14
CA ASN A 59 5.19 27.08 7.02
C ASN A 59 6.33 26.17 7.41
N ASN A 60 6.27 24.90 7.02
CA ASN A 60 7.34 24.00 7.41
C ASN A 60 8.13 23.40 6.28
N GLY A 61 8.10 24.07 5.13
CA GLY A 61 8.89 23.62 4.00
C GLY A 61 8.50 22.34 3.30
N ILE A 62 7.30 21.84 3.59
CA ILE A 62 6.85 20.65 2.91
C ILE A 62 6.52 21.10 1.50
N GLU A 63 6.89 20.29 0.51
CA GLU A 63 6.62 20.62 -0.87
C GLU A 63 5.23 20.28 -1.32
N ALA A 64 4.71 19.16 -0.82
CA ALA A 64 3.40 18.69 -1.27
C ALA A 64 2.64 18.05 -0.13
N LEU A 65 1.34 18.27 -0.15
CA LEU A 65 0.45 17.74 0.85
C LEU A 65 -0.72 17.16 0.08
N THR A 66 -0.95 15.85 0.25
CA THR A 66 -2.06 15.19 -0.43
C THR A 66 -3.05 14.75 0.67
N LEU A 67 -4.29 15.21 0.52
CA LEU A 67 -5.34 14.92 1.49
C LEU A 67 -6.46 14.01 0.97
N TYR A 68 -6.84 13.02 1.76
CA TYR A 68 -7.90 12.09 1.42
C TYR A 68 -8.93 12.06 2.60
N ALA A 69 -10.20 12.43 2.32
CA ALA A 69 -11.23 12.38 3.36
C ALA A 69 -11.83 10.99 3.36
N PHE A 70 -11.74 10.29 4.46
CA PHE A 70 -12.31 8.95 4.47
C PHE A 70 -13.72 9.05 5.03
N SER A 71 -14.69 8.40 4.37
CA SER A 71 -16.05 8.45 4.87
C SER A 71 -16.59 7.21 5.56
N SER A 72 -17.10 7.45 6.76
CA SER A 72 -17.65 6.41 7.60
C SER A 72 -18.95 5.82 7.01
N VAL A 82 -23.39 9.30 -3.46
CA VAL A 82 -21.91 9.18 -3.51
C VAL A 82 -21.37 10.09 -4.58
N SER A 83 -22.08 10.13 -5.71
CA SER A 83 -21.70 10.95 -6.83
C SER A 83 -21.95 12.41 -6.44
N ALA A 84 -23.04 12.62 -5.70
CA ALA A 84 -23.41 13.96 -5.25
C ALA A 84 -22.48 14.40 -4.13
N LEU A 85 -22.23 13.52 -3.18
CA LEU A 85 -21.35 13.86 -2.08
C LEU A 85 -20.05 14.43 -2.61
N MET A 86 -19.41 13.71 -3.52
CA MET A 86 -18.15 14.17 -4.08
C MET A 86 -18.33 15.44 -4.93
N GLU A 87 -19.56 15.96 -4.96
CA GLU A 87 -19.87 17.21 -5.67
C GLU A 87 -19.77 18.25 -4.57
N LEU A 88 -20.64 18.12 -3.57
CA LEU A 88 -20.65 19.03 -2.43
C LEU A 88 -19.22 19.29 -2.04
N PHE A 89 -18.56 18.21 -1.61
CA PHE A 89 -17.18 18.23 -1.17
C PHE A 89 -16.30 19.12 -2.04
N VAL A 90 -16.22 18.83 -3.33
CA VAL A 90 -15.40 19.63 -4.23
C VAL A 90 -16.02 21.01 -4.50
N TRP A 91 -17.33 21.13 -4.33
CA TRP A 91 -17.98 22.40 -4.55
C TRP A 91 -17.61 23.35 -3.41
N ALA A 92 -17.65 22.84 -2.19
CA ALA A 92 -17.28 23.64 -1.01
C ALA A 92 -15.88 24.22 -1.22
N LEU A 93 -14.98 23.36 -1.66
CA LEU A 93 -13.60 23.74 -1.89
C LEU A 93 -13.48 24.95 -2.82
N ASP A 94 -14.58 25.36 -3.44
CA ASP A 94 -14.50 26.50 -4.35
C ASP A 94 -14.25 27.85 -3.68
N SER A 95 -14.92 28.14 -2.59
CA SER A 95 -14.68 29.41 -1.92
C SER A 95 -13.25 29.42 -1.46
N GLU A 96 -12.77 28.23 -1.11
CA GLU A 96 -11.43 28.06 -0.63
C GLU A 96 -10.37 28.38 -1.64
N VAL A 97 -10.68 28.26 -2.92
CA VAL A 97 -9.66 28.51 -3.94
C VAL A 97 -8.96 29.87 -3.87
N LYS A 98 -9.75 30.91 -3.65
CA LYS A 98 -9.20 32.26 -3.58
C LYS A 98 -8.24 32.39 -2.42
N SER A 99 -8.66 31.93 -1.26
CA SER A 99 -7.81 31.97 -0.11
C SER A 99 -6.53 31.20 -0.41
N LEU A 100 -6.65 30.03 -1.01
CA LEU A 100 -5.46 29.22 -1.28
C LEU A 100 -4.51 29.94 -2.22
N HIS A 101 -5.08 30.54 -3.27
CA HIS A 101 -4.27 31.29 -4.21
C HIS A 101 -3.53 32.39 -3.46
N ARG A 102 -4.26 33.12 -2.64
CA ARG A 102 -3.64 34.19 -1.89
C ARG A 102 -2.56 33.68 -0.97
N HIS A 103 -2.60 32.38 -0.65
CA HIS A 103 -1.58 31.81 0.21
C HIS A 103 -0.43 31.22 -0.58
N ASN A 104 -0.45 31.48 -1.88
CA ASN A 104 0.62 31.02 -2.75
C ASN A 104 0.73 29.49 -2.76
N VAL A 105 -0.44 28.82 -2.73
CA VAL A 105 -0.55 27.36 -2.71
C VAL A 105 -0.93 26.94 -4.13
N ARG A 106 -0.38 25.84 -4.61
CA ARG A 106 -0.71 25.34 -5.94
C ARG A 106 -1.68 24.21 -5.72
N LEU A 107 -2.84 24.33 -6.35
CA LEU A 107 -3.87 23.36 -6.15
C LEU A 107 -4.06 22.32 -7.25
N ARG A 108 -4.36 21.08 -6.87
CA ARG A 108 -4.59 20.02 -7.84
C ARG A 108 -5.62 19.09 -7.28
N ILE A 109 -6.51 18.61 -8.14
CA ILE A 109 -7.50 17.64 -7.69
C ILE A 109 -7.10 16.31 -8.30
N ILE A 110 -6.95 15.25 -7.48
CA ILE A 110 -6.64 13.95 -8.04
C ILE A 110 -7.83 13.04 -7.82
N GLY A 111 -8.16 12.20 -8.80
CA GLY A 111 -9.29 11.31 -8.65
C GLY A 111 -10.09 11.24 -9.95
N ASP A 112 -11.16 10.44 -9.96
CA ASP A 112 -11.99 10.29 -11.16
C ASP A 112 -13.08 11.34 -11.25
N THR A 113 -12.74 12.46 -11.88
CA THR A 113 -13.67 13.56 -12.04
C THR A 113 -14.25 13.55 -13.45
N SER A 114 -13.98 12.47 -14.19
CA SER A 114 -14.46 12.32 -15.58
C SER A 114 -15.98 12.23 -15.62
N ARG A 115 -16.59 11.90 -14.49
CA ARG A 115 -18.03 11.77 -14.40
C ARG A 115 -18.68 13.00 -13.74
N PHE A 116 -17.88 14.04 -13.54
CA PHE A 116 -18.35 15.30 -12.93
C PHE A 116 -18.84 16.19 -14.08
N ASN A 117 -19.96 16.89 -13.90
CA ASN A 117 -20.45 17.77 -14.95
C ASN A 117 -19.25 18.62 -15.41
N SER A 118 -19.27 19.08 -16.67
CA SER A 118 -18.12 19.84 -17.21
C SER A 118 -17.95 21.28 -16.73
N ARG A 119 -18.82 21.72 -15.83
CA ARG A 119 -18.70 23.05 -15.26
C ARG A 119 -17.55 22.89 -14.24
N LEU A 120 -17.72 21.91 -13.35
CA LEU A 120 -16.73 21.59 -12.32
C LEU A 120 -15.36 21.39 -12.96
N GLN A 121 -15.32 20.53 -13.97
CA GLN A 121 -14.07 20.20 -14.66
C GLN A 121 -13.39 21.46 -15.20
N GLU A 122 -14.19 22.45 -15.54
CA GLU A 122 -13.63 23.71 -16.04
C GLU A 122 -13.18 24.49 -14.80
N ARG A 123 -14.09 24.63 -13.85
CA ARG A 123 -13.79 25.32 -12.60
C ARG A 123 -12.48 24.70 -12.07
N ILE A 124 -12.49 23.38 -11.94
CA ILE A 124 -11.35 22.64 -11.46
C ILE A 124 -10.10 23.01 -12.23
N ARG A 125 -10.18 23.01 -13.56
CA ARG A 125 -9.01 23.35 -14.37
C ARG A 125 -8.64 24.83 -14.28
N LYS A 126 -9.63 25.69 -14.00
CA LYS A 126 -9.38 27.13 -13.84
C LYS A 126 -8.53 27.26 -12.58
N SER A 127 -9.06 26.69 -11.50
CA SER A 127 -8.38 26.68 -10.21
C SER A 127 -6.98 26.11 -10.38
N GLU A 128 -6.84 25.03 -11.14
CA GLU A 128 -5.52 24.45 -11.32
C GLU A 128 -4.63 25.36 -12.15
N ALA A 129 -5.24 26.04 -13.11
CA ALA A 129 -4.54 26.98 -13.99
C ALA A 129 -4.07 28.17 -13.16
N LEU A 130 -5.01 28.71 -12.41
CA LEU A 130 -4.80 29.85 -11.54
C LEU A 130 -3.63 29.71 -10.59
N THR A 131 -3.63 28.63 -9.80
CA THR A 131 -2.58 28.41 -8.81
C THR A 131 -1.34 27.71 -9.36
N ALA A 132 -1.43 27.24 -10.61
CA ALA A 132 -0.34 26.51 -11.26
C ALA A 132 1.07 27.06 -11.10
N GLY A 133 1.19 28.38 -11.09
CA GLY A 133 2.51 28.97 -10.96
C GLY A 133 2.90 29.44 -9.57
N ASN A 134 2.07 29.16 -8.57
CA ASN A 134 2.42 29.56 -7.20
C ASN A 134 3.65 28.76 -6.78
N THR A 135 4.48 29.33 -5.92
CA THR A 135 5.71 28.66 -5.50
C THR A 135 5.65 28.10 -4.10
N GLY A 136 4.47 28.10 -3.50
CA GLY A 136 4.39 27.56 -2.15
C GLY A 136 4.02 26.08 -2.20
N LEU A 137 3.31 25.68 -1.17
CA LEU A 137 2.88 24.30 -1.01
C LEU A 137 2.04 23.77 -2.17
N THR A 138 2.36 22.58 -2.68
CA THR A 138 1.49 21.99 -3.69
C THR A 138 0.47 21.13 -2.86
N LEU A 139 -0.81 21.50 -2.93
CA LEU A 139 -1.85 20.81 -2.20
C LEU A 139 -2.68 19.98 -3.16
N ASN A 140 -2.64 18.66 -2.99
CA ASN A 140 -3.41 17.73 -3.82
C ASN A 140 -4.62 17.23 -3.03
N ILE A 141 -5.83 17.42 -3.57
CA ILE A 141 -7.02 16.98 -2.90
C ILE A 141 -7.67 15.83 -3.66
N ALA A 142 -7.86 14.71 -2.96
CA ALA A 142 -8.47 13.52 -3.53
C ALA A 142 -9.98 13.67 -3.58
N ALA A 143 -10.56 13.34 -4.73
CA ALA A 143 -12.00 13.44 -4.90
C ALA A 143 -12.36 12.29 -5.83
N ASN A 144 -13.16 11.36 -5.32
CA ASN A 144 -13.51 10.18 -6.13
C ASN A 144 -12.18 9.54 -6.51
N TYR A 145 -11.30 9.40 -5.53
CA TYR A 145 -9.99 8.80 -5.83
C TYR A 145 -9.94 7.40 -5.29
N GLY A 146 -9.22 6.52 -5.99
CA GLY A 146 -9.07 5.16 -5.53
C GLY A 146 -7.67 4.78 -5.97
N GLY A 147 -6.94 4.01 -5.17
CA GLY A 147 -5.59 3.66 -5.55
C GLY A 147 -5.54 2.70 -6.73
N ARG A 148 -6.46 1.77 -6.76
CA ARG A 148 -6.56 0.82 -7.87
C ARG A 148 -6.97 1.53 -9.19
N TRP A 149 -7.94 2.43 -9.08
CA TRP A 149 -8.41 3.21 -10.21
C TRP A 149 -7.24 3.97 -10.84
N ASP A 150 -6.45 4.57 -9.95
CA ASP A 150 -5.28 5.36 -10.33
C ASP A 150 -4.34 4.48 -11.17
N ILE A 151 -4.02 3.29 -10.67
CA ILE A 151 -3.14 2.40 -11.41
C ILE A 151 -3.79 2.05 -12.75
N VAL A 152 -5.10 1.77 -12.73
CA VAL A 152 -5.85 1.45 -13.94
C VAL A 152 -5.84 2.54 -15.02
N GLN A 153 -6.07 3.81 -14.67
CA GLN A 153 -6.06 4.86 -15.70
C GLN A 153 -4.69 4.98 -16.30
N GLY A 154 -3.67 4.74 -15.49
CA GLY A 154 -2.34 4.83 -16.03
C GLY A 154 -2.16 3.68 -17.00
N VAL A 155 -2.73 2.53 -16.65
CA VAL A 155 -2.61 1.35 -17.48
C VAL A 155 -3.33 1.57 -18.80
N ARG A 156 -4.55 2.12 -18.75
CA ARG A 156 -5.29 2.39 -19.97
C ARG A 156 -4.42 3.22 -20.89
N GLN A 157 -3.80 4.27 -20.33
CA GLN A 157 -2.93 5.14 -21.12
C GLN A 157 -1.82 4.37 -21.81
N LEU A 158 -1.28 3.34 -21.17
CA LEU A 158 -0.25 2.53 -21.82
C LEU A 158 -0.89 1.61 -22.87
N ALA A 159 -2.12 1.17 -22.63
CA ALA A 159 -2.81 0.32 -23.58
C ALA A 159 -3.07 1.08 -24.88
N GLU A 160 -3.38 2.36 -24.76
CA GLU A 160 -3.61 3.20 -25.95
C GLU A 160 -2.32 3.16 -26.80
N LYS A 161 -1.19 3.50 -26.20
CA LYS A 161 0.07 3.48 -26.95
C LYS A 161 0.35 2.11 -27.58
N VAL A 162 -0.20 1.05 -27.00
CA VAL A 162 0.00 -0.28 -27.55
C VAL A 162 -0.82 -0.41 -28.84
N GLN A 163 -2.11 -0.09 -28.73
CA GLN A 163 -3.04 -0.15 -29.84
C GLN A 163 -2.59 0.74 -31.01
N GLN A 164 -1.71 1.71 -30.71
CA GLN A 164 -1.17 2.63 -31.72
C GLN A 164 0.12 2.08 -32.31
N GLY A 165 0.51 0.90 -31.89
CA GLY A 165 1.74 0.33 -32.44
C GLY A 165 3.01 1.09 -32.10
N ASN A 166 2.98 1.93 -31.06
CA ASN A 166 4.18 2.67 -30.65
C ASN A 166 4.86 1.95 -29.48
N LEU A 167 4.06 1.26 -28.67
CA LEU A 167 4.58 0.58 -27.50
C LEU A 167 4.54 -0.93 -27.59
N GLN A 168 5.69 -1.56 -27.30
CA GLN A 168 5.80 -3.01 -27.28
C GLN A 168 5.66 -3.49 -25.80
N PRO A 169 4.64 -4.33 -25.50
CA PRO A 169 4.43 -4.83 -24.14
C PRO A 169 5.69 -5.07 -23.32
N ASP A 170 6.71 -5.65 -23.95
CA ASP A 170 7.95 -5.93 -23.24
C ASP A 170 8.78 -4.69 -22.87
N GLN A 171 8.43 -3.53 -23.39
CA GLN A 171 9.18 -2.32 -23.06
C GLN A 171 8.61 -1.69 -21.79
N ILE A 172 7.40 -2.13 -21.42
CA ILE A 172 6.72 -1.62 -20.23
C ILE A 172 7.38 -2.09 -18.92
N ASP A 173 7.88 -1.13 -18.16
CA ASP A 173 8.50 -1.48 -16.87
C ASP A 173 7.89 -0.60 -15.78
N GLU A 174 8.44 -0.70 -14.57
CA GLU A 174 7.94 0.07 -13.44
C GLU A 174 7.99 1.55 -13.72
N GLU A 175 9.19 2.03 -13.98
CA GLU A 175 9.47 3.44 -14.27
C GLU A 175 8.49 4.01 -15.29
N MET A 176 8.11 3.23 -16.30
CA MET A 176 7.18 3.75 -17.33
C MET A 176 5.78 3.91 -16.76
N LEU A 177 5.32 2.88 -16.05
CA LEU A 177 3.99 2.95 -15.45
C LEU A 177 4.02 4.05 -14.43
N ASN A 178 5.16 4.21 -13.76
CA ASN A 178 5.30 5.23 -12.75
C ASN A 178 5.02 6.61 -13.33
N GLN A 179 5.38 6.84 -14.60
CA GLN A 179 5.11 8.12 -15.27
C GLN A 179 3.64 8.42 -15.48
N HIS A 180 2.78 7.41 -15.38
CA HIS A 180 1.34 7.57 -15.65
C HIS A 180 0.40 7.47 -14.46
N VAL A 181 0.94 7.45 -13.25
CA VAL A 181 0.08 7.39 -12.07
C VAL A 181 0.02 8.85 -11.52
N CYS A 182 -1.04 9.15 -10.78
CA CYS A 182 -1.21 10.44 -10.20
C CYS A 182 0.01 10.89 -9.42
N MET A 183 0.34 12.16 -9.58
CA MET A 183 1.43 12.80 -8.86
C MET A 183 2.82 12.37 -9.23
N HIS A 184 2.99 11.75 -10.39
CA HIS A 184 4.33 11.32 -10.79
C HIS A 184 5.31 12.47 -10.86
N GLU A 185 4.83 13.67 -11.14
CA GLU A 185 5.74 14.82 -11.29
C GLU A 185 6.23 15.44 -9.95
N LEU A 186 5.60 15.04 -8.86
CA LEU A 186 5.97 15.54 -7.55
C LEU A 186 6.91 14.61 -6.85
N ALA A 187 7.56 15.10 -5.81
CA ALA A 187 8.43 14.24 -5.02
C ALA A 187 7.62 13.04 -4.55
N PRO A 188 8.27 11.87 -4.48
CA PRO A 188 7.54 10.69 -4.03
C PRO A 188 7.00 10.89 -2.60
N VAL A 189 5.91 10.23 -2.28
CA VAL A 189 5.31 10.33 -0.96
C VAL A 189 6.28 9.77 0.08
N ASP A 190 6.63 10.56 1.10
CA ASP A 190 7.57 10.12 2.12
C ASP A 190 6.87 9.56 3.32
N LEU A 191 5.68 10.13 3.57
CA LEU A 191 4.93 9.86 4.79
C LEU A 191 3.43 9.89 4.58
N VAL A 192 2.75 8.86 5.11
CA VAL A 192 1.29 8.82 5.03
C VAL A 192 0.85 8.78 6.48
N ILE A 193 0.01 9.71 6.84
CA ILE A 193 -0.54 9.76 8.19
C ILE A 193 -2.00 9.36 8.13
N ARG A 194 -2.48 8.51 9.04
CA ARG A 194 -3.91 8.26 9.03
C ARG A 194 -4.45 8.51 10.44
N THR A 195 -5.36 9.49 10.57
CA THR A 195 -5.93 9.78 11.86
C THR A 195 -7.22 8.95 12.06
N GLY A 196 -7.78 8.96 13.27
CA GLY A 196 -9.04 8.24 13.44
C GLY A 196 -8.95 6.84 14.00
N GLY A 197 -7.73 6.32 14.19
CA GLY A 197 -7.61 4.99 14.76
C GLY A 197 -7.55 3.78 13.84
N GLU A 198 -8.03 3.87 12.61
CA GLU A 198 -7.96 2.70 11.72
C GLU A 198 -6.52 2.48 11.09
N HIS A 199 -6.11 1.22 10.98
CA HIS A 199 -4.79 0.83 10.46
C HIS A 199 -4.86 0.14 9.08
N ARG A 200 -5.38 0.89 8.10
CA ARG A 200 -5.58 0.41 6.72
C ARG A 200 -5.41 1.57 5.80
N ILE A 201 -5.10 1.24 4.55
CA ILE A 201 -4.90 2.23 3.51
C ILE A 201 -6.22 2.52 2.83
N SER A 202 -7.17 1.62 2.96
CA SER A 202 -8.52 1.83 2.39
C SER A 202 -8.58 2.31 0.94
N ASN A 203 -7.66 1.81 0.13
CA ASN A 203 -7.58 2.09 -1.29
C ASN A 203 -7.30 3.57 -1.61
N PHE A 204 -6.47 4.17 -0.76
CA PHE A 204 -6.02 5.55 -0.97
C PHE A 204 -4.81 5.18 -1.82
N LEU A 205 -3.71 5.92 -1.74
CA LEU A 205 -2.52 5.61 -2.57
C LEU A 205 -2.06 4.19 -2.37
N LEU A 206 -1.65 3.54 -3.47
CA LEU A 206 -1.13 2.18 -3.37
C LEU A 206 0.25 2.13 -4.06
N TRP A 207 0.27 2.45 -5.34
CA TRP A 207 1.53 2.43 -6.09
C TRP A 207 2.52 3.41 -5.47
N GLN A 208 2.00 4.58 -5.14
CA GLN A 208 2.83 5.65 -4.59
C GLN A 208 3.35 5.44 -3.18
N ILE A 209 2.82 4.46 -2.44
CA ILE A 209 3.33 4.29 -1.06
C ILE A 209 4.28 3.14 -0.85
N ALA A 210 4.78 2.59 -1.95
CA ALA A 210 5.70 1.47 -1.85
C ALA A 210 6.83 1.66 -0.86
N TYR A 211 7.35 2.88 -0.68
CA TYR A 211 8.46 3.09 0.25
C TYR A 211 8.19 4.13 1.33
N ALA A 212 6.95 4.54 1.44
CA ALA A 212 6.61 5.59 2.40
C ALA A 212 6.57 5.09 3.84
N GLU A 213 6.85 5.99 4.76
CA GLU A 213 6.75 5.67 6.18
C GLU A 213 5.22 5.73 6.44
N LEU A 214 4.69 4.81 7.24
CA LEU A 214 3.26 4.82 7.51
C LEU A 214 3.06 5.25 8.98
N TYR A 215 2.24 6.25 9.23
CA TYR A 215 2.07 6.71 10.59
C TYR A 215 0.61 6.75 11.00
N PHE A 216 0.25 5.90 11.96
CA PHE A 216 -1.16 5.80 12.40
C PHE A 216 -1.36 6.40 13.78
N THR A 217 -2.35 7.27 13.92
CA THR A 217 -2.63 7.87 15.22
C THR A 217 -4.11 7.76 15.54
N ASP A 218 -4.44 7.54 16.80
CA ASP A 218 -5.84 7.48 17.21
C ASP A 218 -6.52 8.89 17.26
N VAL A 219 -5.75 9.97 17.27
CA VAL A 219 -6.37 11.30 17.27
C VAL A 219 -7.41 11.43 16.14
N LEU A 220 -8.58 11.98 16.43
CA LEU A 220 -9.67 12.18 15.45
C LEU A 220 -9.26 13.45 14.64
N TRP A 221 -9.57 13.50 13.34
CA TRP A 221 -9.17 14.64 12.51
C TRP A 221 -9.39 16.07 13.10
N PRO A 222 -10.56 16.36 13.71
CA PRO A 222 -10.83 17.68 14.31
C PRO A 222 -9.79 18.14 15.37
N ASP A 223 -9.23 17.19 16.13
CA ASP A 223 -8.23 17.48 17.14
C ASP A 223 -6.80 17.37 16.65
N PHE A 224 -6.60 17.00 15.40
CA PHE A 224 -5.22 16.79 14.91
C PHE A 224 -4.62 18.15 14.59
N ASP A 225 -3.66 18.58 15.42
CA ASP A 225 -3.10 19.90 15.22
C ASP A 225 -1.63 19.99 14.82
N GLU A 226 -1.09 21.19 14.96
CA GLU A 226 0.28 21.45 14.60
C GLU A 226 1.21 20.54 15.36
N GLN A 227 0.95 20.37 16.67
CA GLN A 227 1.79 19.53 17.51
C GLN A 227 1.67 18.07 17.08
N ASP A 228 0.48 17.62 16.66
CA ASP A 228 0.32 16.22 16.19
C ASP A 228 1.10 16.08 14.84
N PHE A 229 0.94 17.06 13.97
CA PHE A 229 1.67 17.01 12.69
C PHE A 229 3.21 16.99 12.95
N GLU A 230 3.69 17.84 13.88
CA GLU A 230 5.13 17.87 14.20
C GLU A 230 5.54 16.48 14.67
N GLY A 231 4.68 15.86 15.48
CA GLY A 231 4.98 14.52 15.98
C GLY A 231 5.18 13.51 14.85
N ALA A 232 4.33 13.58 13.85
CA ALA A 232 4.46 12.64 12.75
C ALA A 232 5.75 12.91 11.97
N LEU A 233 6.08 14.19 11.73
CA LEU A 233 7.30 14.54 10.99
C LEU A 233 8.56 14.09 11.76
N ASN A 234 8.55 14.28 13.08
CA ASN A 234 9.74 13.89 13.81
C ASN A 234 9.85 12.35 13.81
N ALA A 235 8.71 11.68 13.85
CA ALA A 235 8.70 10.22 13.81
C ALA A 235 9.36 9.81 12.50
N PHE A 236 8.98 10.46 11.40
CA PHE A 236 9.56 10.17 10.09
C PHE A 236 11.06 10.54 10.08
N ALA A 237 11.40 11.69 10.66
CA ALA A 237 12.77 12.15 10.69
C ALA A 237 13.69 11.15 11.40
N ASN A 238 13.24 10.63 12.53
CA ASN A 238 14.02 9.67 13.28
C ASN A 238 13.91 8.23 12.73
N ARG A 239 12.81 7.94 12.06
CA ARG A 239 12.54 6.62 11.48
C ARG A 239 13.48 6.33 10.33
N GLU A 240 13.81 7.38 9.59
CA GLU A 240 14.70 7.24 8.45
C GLU A 240 16.17 7.46 8.83
N GLY B 17 -13.30 -12.94 10.84
CA GLY B 17 -12.41 -14.15 10.56
C GLY B 17 -11.25 -13.81 9.59
N CYS B 18 -10.02 -13.91 10.09
CA CYS B 18 -8.83 -13.63 9.28
C CYS B 18 -8.43 -14.83 8.38
N ARG B 19 -8.55 -14.67 7.07
CA ARG B 19 -8.28 -15.74 6.11
C ARG B 19 -6.90 -15.77 5.45
N HIS B 20 -6.28 -14.62 5.24
CA HIS B 20 -4.99 -14.56 4.58
C HIS B 20 -4.09 -13.52 5.26
N VAL B 21 -3.00 -13.99 5.86
CA VAL B 21 -2.05 -13.15 6.55
C VAL B 21 -0.77 -13.03 5.69
N ALA B 22 -0.22 -11.84 5.58
CA ALA B 22 1.03 -11.63 4.81
C ALA B 22 1.98 -11.08 5.84
N ILE B 23 3.21 -11.59 5.86
CA ILE B 23 4.17 -11.11 6.85
C ILE B 23 5.48 -10.62 6.26
N ILE B 24 5.89 -9.42 6.65
CA ILE B 24 7.19 -8.90 6.21
C ILE B 24 8.15 -9.31 7.39
N MET B 25 8.96 -10.34 7.17
CA MET B 25 9.87 -10.86 8.18
C MET B 25 11.11 -10.02 8.19
N ASP B 26 11.29 -9.19 9.21
CA ASP B 26 12.48 -8.35 9.25
C ASP B 26 13.09 -8.43 10.65
N GLY B 27 14.43 -8.31 10.75
CA GLY B 27 15.07 -8.31 12.05
C GLY B 27 16.08 -9.41 12.36
N ASN B 28 16.33 -10.31 11.42
CA ASN B 28 17.26 -11.41 11.64
C ASN B 28 18.72 -10.95 11.96
N GLY B 29 19.27 -10.09 11.12
CA GLY B 29 20.63 -9.63 11.34
C GLY B 29 20.73 -8.78 12.59
N ARG B 30 19.83 -7.81 12.72
CA ARG B 30 19.84 -6.97 13.89
C ARG B 30 19.75 -7.90 15.09
N TRP B 31 18.95 -8.95 14.98
CA TRP B 31 18.82 -9.90 16.08
C TRP B 31 20.16 -10.58 16.35
N ALA B 32 20.79 -11.06 15.29
CA ALA B 32 22.05 -11.77 15.47
C ALA B 32 23.01 -10.88 16.29
N LYS B 33 23.20 -9.65 15.83
CA LYS B 33 24.09 -8.72 16.50
C LYS B 33 23.74 -8.53 17.99
N LYS B 34 22.45 -8.57 18.33
CA LYS B 34 22.06 -8.40 19.71
C LYS B 34 22.59 -9.55 20.58
N GLN B 35 22.75 -10.71 19.95
CA GLN B 35 23.23 -11.89 20.65
C GLN B 35 24.77 -11.95 20.62
N GLY B 36 25.37 -11.09 19.81
CA GLY B 36 26.82 -11.03 19.67
C GLY B 36 27.28 -12.11 18.73
N LYS B 37 26.38 -12.58 17.87
CA LYS B 37 26.69 -13.64 16.93
C LYS B 37 26.74 -13.12 15.49
N ILE B 38 27.16 -13.99 14.57
CA ILE B 38 27.26 -13.64 13.15
C ILE B 38 25.92 -13.77 12.38
N ARG B 39 25.84 -13.01 11.29
CA ARG B 39 24.65 -12.98 10.43
C ARG B 39 24.02 -14.39 10.24
N ALA B 40 24.85 -15.36 9.87
CA ALA B 40 24.41 -16.75 9.65
C ALA B 40 23.64 -17.33 10.83
N PHE B 41 23.90 -16.80 12.01
CA PHE B 41 23.22 -17.27 13.19
C PHE B 41 21.77 -16.75 13.16
N GLY B 42 21.60 -15.50 12.73
CA GLY B 42 20.28 -14.91 12.65
C GLY B 42 19.45 -15.67 11.64
N HIS B 43 20.08 -16.06 10.55
CA HIS B 43 19.40 -16.81 9.52
C HIS B 43 18.84 -18.08 10.08
N LYS B 44 19.68 -18.80 10.80
CA LYS B 44 19.24 -20.03 11.40
C LYS B 44 18.01 -19.82 12.26
N ALA B 45 18.05 -18.79 13.10
CA ALA B 45 16.94 -18.52 13.97
C ALA B 45 15.75 -18.01 13.11
N GLY B 46 16.08 -17.31 12.03
CA GLY B 46 15.07 -16.79 11.13
C GLY B 46 14.25 -17.94 10.57
N ALA B 47 14.93 -18.98 10.09
CA ALA B 47 14.23 -20.13 9.52
C ALA B 47 13.41 -20.88 10.58
N LYS B 48 13.85 -20.92 11.84
CA LYS B 48 13.02 -21.61 12.83
C LYS B 48 11.71 -20.85 13.09
N SER B 49 11.79 -19.53 13.03
CA SER B 49 10.62 -18.68 13.22
C SER B 49 9.65 -18.90 12.05
N VAL B 50 10.20 -19.11 10.86
CA VAL B 50 9.33 -19.38 9.70
C VAL B 50 8.56 -20.70 9.96
N ARG B 51 9.31 -21.73 10.36
CA ARG B 51 8.71 -23.05 10.63
C ARG B 51 7.60 -22.88 11.66
N ARG B 52 7.91 -22.18 12.73
CA ARG B 52 6.93 -21.96 13.78
C ARG B 52 5.69 -21.21 13.29
N ALA B 53 5.90 -20.16 12.48
CA ALA B 53 4.79 -19.34 11.99
C ALA B 53 3.86 -20.13 11.08
N VAL B 54 4.45 -20.88 10.16
CA VAL B 54 3.70 -21.72 9.19
C VAL B 54 2.91 -22.80 9.99
N SER B 55 3.55 -23.51 10.92
CA SER B 55 2.83 -24.46 11.79
C SER B 55 1.66 -23.74 12.44
N PHE B 56 1.93 -22.60 13.06
CA PHE B 56 0.86 -21.87 13.70
C PHE B 56 -0.29 -21.54 12.76
N ALA B 57 0.01 -21.03 11.55
CA ALA B 57 -1.08 -20.66 10.67
C ALA B 57 -1.94 -21.91 10.30
N ALA B 58 -1.26 -22.99 9.93
CA ALA B 58 -1.95 -24.24 9.52
C ALA B 58 -2.80 -24.76 10.70
N ASN B 59 -2.19 -24.73 11.87
CA ASN B 59 -2.76 -25.14 13.14
C ASN B 59 -4.06 -24.41 13.47
N ASN B 60 -4.26 -23.21 12.89
CA ASN B 60 -5.44 -22.40 13.18
C ASN B 60 -6.38 -22.04 12.03
N GLY B 61 -6.45 -22.88 11.01
CA GLY B 61 -7.37 -22.63 9.92
C GLY B 61 -7.20 -21.38 9.09
N ILE B 62 -5.99 -20.85 9.01
CA ILE B 62 -5.76 -19.67 8.19
C ILE B 62 -5.65 -20.28 6.78
N GLU B 63 -6.35 -19.70 5.82
CA GLU B 63 -6.33 -20.21 4.46
C GLU B 63 -5.01 -19.94 3.73
N ALA B 64 -4.41 -18.77 3.97
CA ALA B 64 -3.17 -18.42 3.28
C ALA B 64 -2.19 -17.60 4.12
N LEU B 65 -0.92 -17.93 4.00
CA LEU B 65 0.14 -17.23 4.69
C LEU B 65 1.14 -16.87 3.62
N THR B 66 1.43 -15.58 3.49
CA THR B 66 2.36 -15.08 2.49
C THR B 66 3.58 -14.46 3.20
N LEU B 67 4.77 -15.00 2.93
CA LEU B 67 6.02 -14.59 3.61
C LEU B 67 7.01 -13.84 2.70
N TYR B 68 7.46 -12.70 3.16
CA TYR B 68 8.40 -11.89 2.39
C TYR B 68 9.63 -11.66 3.25
N ALA B 69 10.79 -12.08 2.76
CA ALA B 69 12.05 -11.90 3.49
C ALA B 69 12.56 -10.54 3.08
N PHE B 70 12.65 -9.65 4.04
CA PHE B 70 13.13 -8.32 3.73
C PHE B 70 14.62 -8.10 4.00
N SER B 71 15.34 -7.65 2.97
CA SER B 71 16.75 -7.36 3.17
C SER B 71 16.97 -5.89 2.80
N ALA B 84 24.59 -19.14 -4.10
CA ALA B 84 24.61 -18.89 -2.62
C ALA B 84 23.24 -19.16 -2.01
N LEU B 85 22.38 -18.15 -1.99
CA LEU B 85 21.03 -18.31 -1.45
C LEU B 85 20.20 -19.16 -2.43
N MET B 86 20.77 -19.37 -3.63
CA MET B 86 20.16 -20.16 -4.69
C MET B 86 20.29 -21.65 -4.40
N GLU B 87 21.42 -22.03 -3.79
CA GLU B 87 21.66 -23.43 -3.44
C GLU B 87 20.88 -23.78 -2.18
N LEU B 88 20.86 -22.85 -1.24
CA LEU B 88 20.15 -23.02 0.02
C LEU B 88 18.63 -23.06 -0.25
N PHE B 89 18.21 -22.33 -1.26
CA PHE B 89 16.80 -22.28 -1.62
C PHE B 89 16.44 -23.69 -2.11
N VAL B 90 17.35 -24.27 -2.91
CA VAL B 90 17.21 -25.63 -3.48
C VAL B 90 17.06 -26.62 -2.33
N TRP B 91 17.90 -26.41 -1.32
CA TRP B 91 17.95 -27.23 -0.10
C TRP B 91 16.69 -27.08 0.77
N ALA B 92 16.21 -25.85 0.97
CA ALA B 92 14.99 -25.65 1.78
C ALA B 92 13.85 -26.39 1.06
N LEU B 93 13.83 -26.29 -0.26
CA LEU B 93 12.78 -26.97 -1.00
C LEU B 93 12.94 -28.50 -0.86
N ASP B 94 14.10 -29.01 -1.24
CA ASP B 94 14.36 -30.46 -1.17
C ASP B 94 14.18 -31.07 0.21
N SER B 95 14.44 -30.27 1.24
CA SER B 95 14.37 -30.75 2.61
C SER B 95 13.03 -30.59 3.32
N GLU B 96 12.36 -29.45 3.10
CA GLU B 96 11.09 -29.21 3.76
C GLU B 96 9.86 -29.54 2.92
N VAL B 97 10.00 -29.54 1.60
CA VAL B 97 8.83 -29.81 0.78
C VAL B 97 8.06 -31.08 1.18
N LYS B 98 8.78 -32.16 1.44
CA LYS B 98 8.14 -33.41 1.87
C LYS B 98 7.22 -33.20 3.11
N SER B 99 7.70 -32.55 4.17
CA SER B 99 6.86 -32.32 5.38
C SER B 99 5.65 -31.44 5.07
N LEU B 100 5.85 -30.37 4.31
CA LEU B 100 4.74 -29.51 3.99
C LEU B 100 3.63 -30.29 3.26
N HIS B 101 4.04 -31.16 2.36
CA HIS B 101 3.08 -31.97 1.57
C HIS B 101 2.34 -32.86 2.52
N ARG B 102 3.10 -33.50 3.43
CA ARG B 102 2.48 -34.34 4.44
C ARG B 102 1.50 -33.51 5.27
N HIS B 103 1.80 -32.23 5.51
CA HIS B 103 0.87 -31.42 6.28
C HIS B 103 -0.26 -30.85 5.43
N ASN B 104 -0.41 -31.35 4.20
CA ASN B 104 -1.49 -30.87 3.35
C ASN B 104 -1.36 -29.36 3.02
N VAL B 105 -0.13 -28.88 3.06
CA VAL B 105 0.14 -27.48 2.71
C VAL B 105 0.42 -27.31 1.20
N ARG B 106 -0.23 -26.35 0.59
CA ARG B 106 0.01 -26.06 -0.84
C ARG B 106 1.08 -24.93 -0.92
N LEU B 107 2.21 -25.22 -1.57
CA LEU B 107 3.30 -24.25 -1.69
C LEU B 107 3.36 -23.52 -3.07
N ARG B 108 3.58 -22.21 -3.02
CA ARG B 108 3.71 -21.42 -4.22
C ARG B 108 4.82 -20.44 -3.94
N ILE B 109 5.61 -20.14 -4.98
CA ILE B 109 6.65 -19.13 -4.86
C ILE B 109 6.15 -17.97 -5.71
N ILE B 110 6.19 -16.72 -5.16
CA ILE B 110 5.74 -15.55 -5.97
C ILE B 110 6.93 -14.64 -6.19
N GLY B 111 6.97 -14.00 -7.36
CA GLY B 111 8.10 -13.15 -7.64
C GLY B 111 8.76 -13.51 -8.96
N ASP B 112 9.83 -12.78 -9.28
CA ASP B 112 10.52 -13.04 -10.55
C ASP B 112 11.58 -14.14 -10.42
N THR B 113 11.24 -15.34 -10.86
CA THR B 113 12.20 -16.45 -10.79
C THR B 113 12.81 -16.79 -12.16
N SER B 114 12.42 -16.00 -13.18
CA SER B 114 12.89 -16.17 -14.56
C SER B 114 14.39 -16.12 -14.70
N ARG B 115 15.10 -15.58 -13.72
CA ARG B 115 16.54 -15.53 -13.84
C ARG B 115 17.31 -16.40 -12.84
N PHE B 116 16.59 -17.15 -12.02
CA PHE B 116 17.25 -18.08 -11.10
C PHE B 116 17.81 -19.15 -12.05
N ASN B 117 18.77 -19.95 -11.60
CA ASN B 117 19.29 -20.97 -12.52
C ASN B 117 18.19 -22.00 -12.74
N SER B 118 18.24 -22.60 -13.93
CA SER B 118 17.25 -23.57 -14.35
C SER B 118 16.98 -24.72 -13.38
N ARG B 119 18.00 -25.16 -12.65
CA ARG B 119 17.80 -26.25 -11.70
C ARG B 119 16.85 -25.79 -10.55
N LEU B 120 17.08 -24.59 -10.02
CA LEU B 120 16.26 -24.07 -8.95
C LEU B 120 14.84 -23.86 -9.46
N GLN B 121 14.73 -23.32 -10.68
CA GLN B 121 13.47 -23.09 -11.33
C GLN B 121 12.77 -24.40 -11.45
N GLU B 122 13.49 -25.44 -11.84
CA GLU B 122 12.84 -26.75 -11.98
C GLU B 122 12.33 -27.25 -10.60
N ARG B 123 13.16 -27.10 -9.58
CA ARG B 123 12.83 -27.53 -8.20
C ARG B 123 11.58 -26.80 -7.71
N ILE B 124 11.53 -25.51 -8.02
CA ILE B 124 10.38 -24.72 -7.62
C ILE B 124 9.13 -25.27 -8.31
N ARG B 125 9.23 -25.48 -9.63
CA ARG B 125 8.11 -26.02 -10.42
C ARG B 125 7.64 -27.39 -9.92
N LYS B 126 8.56 -28.29 -9.57
CA LYS B 126 8.14 -29.61 -9.08
C LYS B 126 7.53 -29.55 -7.70
N SER B 127 8.11 -28.73 -6.83
CA SER B 127 7.56 -28.59 -5.48
C SER B 127 6.15 -28.05 -5.57
N GLU B 128 5.96 -27.04 -6.42
CA GLU B 128 4.64 -26.48 -6.59
C GLU B 128 3.71 -27.57 -7.14
N ALA B 129 4.11 -28.26 -8.22
CA ALA B 129 3.28 -29.34 -8.85
C ALA B 129 2.90 -30.38 -7.82
N LEU B 130 3.89 -30.84 -7.05
CA LEU B 130 3.68 -31.82 -5.99
C LEU B 130 2.54 -31.47 -4.99
N THR B 131 2.51 -30.22 -4.52
CA THR B 131 1.53 -29.81 -3.53
C THR B 131 0.31 -29.06 -4.06
N ALA B 132 0.22 -28.88 -5.37
CA ALA B 132 -0.88 -28.09 -5.94
C ALA B 132 -2.27 -28.52 -5.53
N GLY B 133 -2.50 -29.82 -5.42
CA GLY B 133 -3.82 -30.27 -5.03
C GLY B 133 -4.09 -30.26 -3.53
N ASN B 134 -3.12 -29.87 -2.71
CA ASN B 134 -3.38 -29.89 -1.27
C ASN B 134 -4.48 -28.89 -0.95
N THR B 135 -5.21 -29.18 0.12
CA THR B 135 -6.35 -28.36 0.48
C THR B 135 -6.20 -27.64 1.81
N GLY B 136 -5.06 -27.82 2.47
CA GLY B 136 -4.83 -27.16 3.73
C GLY B 136 -4.40 -25.72 3.51
N LEU B 137 -3.37 -25.29 4.22
CA LEU B 137 -2.87 -23.93 4.08
C LEU B 137 -2.09 -23.74 2.78
N THR B 138 -2.31 -22.62 2.10
CA THR B 138 -1.53 -22.29 0.91
C THR B 138 -0.44 -21.35 1.46
N LEU B 139 0.82 -21.73 1.31
CA LEU B 139 1.95 -20.95 1.82
C LEU B 139 2.63 -20.30 0.61
N ASN B 140 2.59 -18.98 0.54
CA ASN B 140 3.21 -18.27 -0.57
C ASN B 140 4.52 -17.64 -0.09
N ILE B 141 5.63 -18.04 -0.72
CA ILE B 141 6.95 -17.51 -0.36
C ILE B 141 7.33 -16.48 -1.41
N ALA B 142 7.50 -15.22 -1.04
CA ALA B 142 7.85 -14.25 -2.06
C ALA B 142 9.33 -14.25 -2.24
N ALA B 143 9.81 -14.59 -3.44
CA ALA B 143 11.23 -14.63 -3.72
C ALA B 143 11.51 -13.71 -4.90
N ASN B 144 12.40 -12.75 -4.71
CA ASN B 144 12.71 -11.77 -5.72
C ASN B 144 11.39 -11.16 -6.18
N TYR B 145 10.57 -10.78 -5.19
CA TYR B 145 9.24 -10.21 -5.45
C TYR B 145 9.19 -8.72 -5.15
N GLY B 146 8.35 -7.99 -5.87
CA GLY B 146 8.17 -6.59 -5.58
C GLY B 146 6.72 -6.30 -5.96
N GLY B 147 6.04 -5.46 -5.20
CA GLY B 147 4.64 -5.16 -5.49
C GLY B 147 4.45 -4.46 -6.85
N ARG B 148 5.37 -3.56 -7.20
CA ARG B 148 5.28 -2.85 -8.48
C ARG B 148 5.57 -3.82 -9.63
N TRP B 149 6.58 -4.67 -9.45
CA TRP B 149 6.89 -5.65 -10.47
C TRP B 149 5.67 -6.52 -10.76
N ASP B 150 5.03 -6.98 -9.69
CA ASP B 150 3.82 -7.80 -9.75
C ASP B 150 2.72 -7.09 -10.60
N ILE B 151 2.44 -5.82 -10.31
CA ILE B 151 1.43 -5.10 -11.07
C ILE B 151 1.90 -5.01 -12.56
N VAL B 152 3.19 -4.72 -12.76
CA VAL B 152 3.71 -4.63 -14.12
C VAL B 152 3.67 -5.94 -14.93
N GLN B 153 3.79 -7.08 -14.27
CA GLN B 153 3.74 -8.31 -15.01
C GLN B 153 2.30 -8.47 -15.48
N GLY B 154 1.34 -8.10 -14.64
CA GLY B 154 -0.05 -8.17 -15.05
C GLY B 154 -0.33 -7.21 -16.21
N VAL B 155 0.19 -5.98 -16.12
CA VAL B 155 0.01 -4.99 -17.18
C VAL B 155 0.52 -5.53 -18.53
N ARG B 156 1.73 -6.10 -18.53
CA ARG B 156 2.32 -6.66 -19.74
C ARG B 156 1.43 -7.70 -20.37
N GLN B 157 0.79 -8.54 -19.54
CA GLN B 157 -0.10 -9.56 -20.05
C GLN B 157 -1.27 -8.89 -20.73
N LEU B 158 -1.83 -7.87 -20.09
CA LEU B 158 -2.97 -7.20 -20.69
C LEU B 158 -2.58 -6.44 -21.98
N ALA B 159 -1.33 -5.99 -22.04
CA ALA B 159 -0.84 -5.26 -23.21
C ALA B 159 -0.74 -6.22 -24.40
N GLU B 160 -0.37 -7.47 -24.12
CA GLU B 160 -0.28 -8.53 -25.15
C GLU B 160 -1.66 -8.71 -25.78
N LYS B 161 -2.70 -8.82 -24.95
CA LYS B 161 -4.05 -8.99 -25.46
C LYS B 161 -4.53 -7.80 -26.25
N VAL B 162 -3.94 -6.64 -26.00
CA VAL B 162 -4.30 -5.44 -26.73
C VAL B 162 -3.53 -5.49 -28.06
N GLN B 163 -2.23 -5.73 -27.99
CA GLN B 163 -1.43 -5.78 -29.21
C GLN B 163 -2.05 -6.72 -30.23
N GLN B 164 -2.52 -7.88 -29.76
CA GLN B 164 -3.15 -8.88 -30.60
C GLN B 164 -4.42 -8.33 -31.20
N GLY B 165 -5.21 -7.64 -30.38
CA GLY B 165 -6.46 -7.06 -30.87
C GLY B 165 -7.70 -7.52 -30.14
N ASN B 166 -7.55 -8.47 -29.23
CA ASN B 166 -8.68 -8.99 -28.47
C ASN B 166 -8.95 -8.24 -27.16
N LEU B 167 -8.55 -6.98 -27.11
CA LEU B 167 -8.76 -6.17 -25.91
C LEU B 167 -8.67 -4.71 -26.28
N GLN B 168 -9.73 -3.97 -25.95
CA GLN B 168 -9.76 -2.55 -26.23
C GLN B 168 -9.24 -1.79 -25.02
N PRO B 169 -8.27 -0.89 -25.22
CA PRO B 169 -7.74 -0.14 -24.08
C PRO B 169 -8.77 0.24 -23.02
N ASP B 170 -9.94 0.74 -23.41
CA ASP B 170 -10.91 1.12 -22.39
C ASP B 170 -11.81 0.02 -21.84
N GLN B 171 -11.51 -1.23 -22.17
CA GLN B 171 -12.28 -2.36 -21.65
C GLN B 171 -11.51 -2.83 -20.39
N ILE B 172 -10.32 -2.29 -20.15
CA ILE B 172 -9.50 -2.68 -19.00
C ILE B 172 -10.02 -2.05 -17.74
N ASP B 173 -10.32 -2.86 -16.74
CA ASP B 173 -10.83 -2.32 -15.47
C ASP B 173 -10.14 -2.93 -14.22
N GLU B 174 -10.60 -2.56 -13.04
CA GLU B 174 -10.00 -3.04 -11.80
C GLU B 174 -10.07 -4.54 -11.71
N GLU B 175 -11.22 -5.10 -12.01
CA GLU B 175 -11.44 -6.54 -11.95
C GLU B 175 -10.54 -7.28 -12.88
N MET B 176 -10.44 -6.77 -14.09
CA MET B 176 -9.59 -7.39 -15.08
C MET B 176 -8.15 -7.40 -14.59
N LEU B 177 -7.64 -6.22 -14.17
CA LEU B 177 -6.25 -6.17 -13.75
C LEU B 177 -6.03 -7.07 -12.55
N ASN B 178 -7.04 -7.12 -11.70
CA ASN B 178 -6.94 -7.94 -10.51
C ASN B 178 -6.77 -9.41 -10.86
N GLN B 179 -7.27 -9.80 -12.03
CA GLN B 179 -7.17 -11.20 -12.48
C GLN B 179 -5.78 -11.55 -12.99
N HIS B 180 -4.91 -10.56 -13.10
CA HIS B 180 -3.56 -10.85 -13.53
C HIS B 180 -2.49 -10.49 -12.50
N VAL B 181 -2.88 -10.26 -11.24
CA VAL B 181 -1.86 -9.97 -10.20
C VAL B 181 -1.68 -11.19 -9.31
N CYS B 182 -0.47 -11.38 -8.78
CA CYS B 182 -0.27 -12.58 -7.96
C CYS B 182 -1.37 -12.83 -6.92
N MET B 183 -1.65 -14.10 -6.68
CA MET B 183 -2.63 -14.56 -5.72
C MET B 183 -4.07 -14.22 -5.97
N HIS B 184 -4.40 -13.84 -7.20
CA HIS B 184 -5.80 -13.47 -7.47
C HIS B 184 -6.71 -14.65 -7.23
N GLU B 185 -6.18 -15.85 -7.21
CA GLU B 185 -7.09 -16.99 -7.00
C GLU B 185 -7.34 -17.31 -5.52
N LEU B 186 -6.68 -16.59 -4.62
CA LEU B 186 -6.80 -16.83 -3.18
C LEU B 186 -7.62 -15.79 -2.47
N ALA B 187 -7.96 -16.04 -1.22
CA ALA B 187 -8.72 -15.06 -0.45
C ALA B 187 -7.94 -13.74 -0.42
N PRO B 188 -8.66 -12.63 -0.33
CA PRO B 188 -7.95 -11.34 -0.29
C PRO B 188 -7.14 -11.24 1.03
N VAL B 189 -5.96 -10.64 0.93
CA VAL B 189 -5.10 -10.43 2.11
C VAL B 189 -5.88 -9.60 3.15
N ASP B 190 -6.04 -10.12 4.35
CA ASP B 190 -6.78 -9.47 5.44
C ASP B 190 -5.88 -8.71 6.40
N LEU B 191 -4.66 -9.23 6.59
CA LEU B 191 -3.74 -8.66 7.59
C LEU B 191 -2.28 -8.74 7.15
N VAL B 192 -1.57 -7.61 7.25
CA VAL B 192 -0.15 -7.60 6.88
C VAL B 192 0.55 -7.29 8.18
N ILE B 193 1.50 -8.13 8.57
CA ILE B 193 2.30 -7.98 9.75
C ILE B 193 3.74 -7.62 9.37
N ARG B 194 4.31 -6.60 9.97
CA ARG B 194 5.73 -6.35 9.70
C ARG B 194 6.46 -6.36 11.03
N THR B 195 7.39 -7.30 11.19
CA THR B 195 8.18 -7.38 12.43
C THR B 195 9.44 -6.56 12.25
N GLY B 196 10.18 -6.37 13.34
CA GLY B 196 11.44 -5.66 13.18
C GLY B 196 11.47 -4.17 13.43
N GLY B 197 10.33 -3.52 13.58
CA GLY B 197 10.41 -2.09 13.89
C GLY B 197 10.14 -1.08 12.79
N GLU B 198 10.37 -1.40 11.52
CA GLU B 198 10.08 -0.42 10.49
C GLU B 198 8.59 -0.34 10.18
N HIS B 199 8.15 0.84 9.78
CA HIS B 199 6.73 1.08 9.49
C HIS B 199 6.55 1.38 8.02
N ARG B 200 6.88 0.40 7.18
CA ARG B 200 6.81 0.56 5.71
C ARG B 200 6.47 -0.77 5.08
N ILE B 201 5.86 -0.69 3.91
CA ILE B 201 5.48 -1.87 3.14
C ILE B 201 6.69 -2.34 2.34
N SER B 202 7.64 -1.42 2.09
CA SER B 202 8.88 -1.70 1.35
C SER B 202 8.69 -2.45 0.03
N ASN B 203 7.70 -2.00 -0.73
CA ASN B 203 7.42 -2.58 -2.04
C ASN B 203 7.09 -4.08 -1.98
N PHE B 204 6.46 -4.47 -0.87
CA PHE B 204 5.96 -5.84 -0.75
C PHE B 204 4.58 -5.74 -1.51
N LEU B 205 3.53 -6.43 -1.06
CA LEU B 205 2.24 -6.37 -1.75
C LEU B 205 1.71 -4.95 -1.78
N LEU B 206 1.18 -4.47 -2.93
CA LEU B 206 0.58 -3.09 -3.01
C LEU B 206 -0.90 -3.13 -3.47
N TRP B 207 -1.15 -3.66 -4.66
CA TRP B 207 -2.52 -3.76 -5.15
C TRP B 207 -3.36 -4.57 -4.15
N GLN B 208 -2.78 -5.69 -3.72
CA GLN B 208 -3.44 -6.60 -2.80
C GLN B 208 -3.76 -6.13 -1.38
N ILE B 209 -3.14 -5.05 -0.92
CA ILE B 209 -3.36 -4.62 0.46
C ILE B 209 -4.24 -3.43 0.60
N ALA B 210 -4.99 -3.10 -0.45
CA ALA B 210 -5.86 -1.95 -0.45
C ALA B 210 -6.80 -1.90 0.75
N TYR B 211 -7.29 -3.05 1.18
CA TYR B 211 -8.20 -3.08 2.31
C TYR B 211 -7.69 -3.88 3.47
N ALA B 212 -6.41 -4.23 3.47
CA ALA B 212 -5.82 -5.03 4.56
C ALA B 212 -5.52 -4.23 5.81
N GLU B 213 -5.65 -4.88 6.96
CA GLU B 213 -5.32 -4.26 8.24
C GLU B 213 -3.79 -4.32 8.26
N LEU B 214 -3.11 -3.29 8.76
CA LEU B 214 -1.63 -3.28 8.81
C LEU B 214 -1.21 -3.25 10.27
N TYR B 215 -0.41 -4.24 10.66
CA TYR B 215 0.02 -4.41 12.03
C TYR B 215 1.52 -4.39 12.14
N PHE B 216 2.05 -3.40 12.85
CA PHE B 216 3.50 -3.25 13.02
C PHE B 216 3.97 -3.63 14.44
N THR B 217 5.01 -4.43 14.54
CA THR B 217 5.56 -4.80 15.83
C THR B 217 7.07 -4.67 15.85
N ASP B 218 7.63 -4.17 16.93
CA ASP B 218 9.10 -4.03 17.07
C ASP B 218 9.77 -5.38 17.32
N VAL B 219 8.99 -6.42 17.58
CA VAL B 219 9.59 -7.72 17.81
C VAL B 219 10.40 -8.13 16.57
N LEU B 220 11.64 -8.59 16.78
CA LEU B 220 12.54 -9.01 15.71
C LEU B 220 12.10 -10.40 15.16
N TRP B 221 12.20 -10.61 13.85
CA TRP B 221 11.69 -11.88 13.32
C TRP B 221 12.02 -13.17 14.08
N PRO B 222 13.28 -13.36 14.49
CA PRO B 222 13.64 -14.59 15.24
C PRO B 222 12.82 -14.79 16.53
N ASP B 223 12.42 -13.69 17.17
CA ASP B 223 11.63 -13.75 18.41
C ASP B 223 10.11 -13.80 18.16
N PHE B 224 9.68 -13.57 16.92
CA PHE B 224 8.25 -13.56 16.63
C PHE B 224 7.74 -14.97 16.84
N ASP B 225 6.79 -15.13 17.76
CA ASP B 225 6.28 -16.45 18.08
C ASP B 225 4.79 -16.57 18.04
N GLU B 226 4.27 -17.66 18.61
CA GLU B 226 2.81 -17.87 18.60
C GLU B 226 2.00 -16.77 19.25
N GLN B 227 2.53 -16.26 20.37
CA GLN B 227 1.90 -15.21 21.14
C GLN B 227 1.89 -13.91 20.34
N ASP B 228 3.01 -13.60 19.70
CA ASP B 228 3.04 -12.38 18.89
C ASP B 228 2.02 -12.47 17.73
N PHE B 229 1.97 -13.66 17.11
CA PHE B 229 1.06 -13.88 15.98
C PHE B 229 -0.40 -13.71 16.48
N GLU B 230 -0.76 -14.41 17.55
CA GLU B 230 -2.13 -14.26 18.06
C GLU B 230 -2.42 -12.79 18.43
N GLY B 231 -1.45 -12.11 19.01
CA GLY B 231 -1.66 -10.72 19.32
C GLY B 231 -2.14 -10.01 18.07
N ALA B 232 -1.41 -10.18 16.95
CA ALA B 232 -1.83 -9.53 15.71
C ALA B 232 -3.20 -10.01 15.27
N LEU B 233 -3.48 -11.31 15.35
CA LEU B 233 -4.80 -11.79 14.95
C LEU B 233 -5.87 -11.16 15.85
N ASN B 234 -5.56 -11.01 17.15
CA ASN B 234 -6.54 -10.40 18.08
C ASN B 234 -6.78 -8.97 17.69
N ALA B 235 -5.71 -8.29 17.30
CA ALA B 235 -5.85 -6.92 16.87
C ALA B 235 -6.79 -6.93 15.67
N PHE B 236 -6.56 -7.83 14.71
CA PHE B 236 -7.43 -7.87 13.55
C PHE B 236 -8.88 -8.11 14.00
N ALA B 237 -9.09 -9.12 14.85
CA ALA B 237 -10.43 -9.46 15.35
C ALA B 237 -11.13 -8.28 16.05
N ASN B 238 -10.50 -7.73 17.09
CA ASN B 238 -11.04 -6.59 17.84
C ASN B 238 -11.34 -5.39 16.95
N ARG B 239 -10.41 -5.06 16.07
CA ARG B 239 -10.56 -3.92 15.18
C ARG B 239 -11.64 -4.12 14.14
N GLU B 240 -11.76 -5.35 13.66
CA GLU B 240 -12.78 -5.70 12.67
C GLU B 240 -14.16 -5.38 13.26
N ARG B 241 -14.27 -5.50 14.59
CA ARG B 241 -15.52 -5.23 15.30
C ARG B 241 -15.84 -3.74 15.46
N ARG B 242 -14.87 -2.98 15.97
CA ARG B 242 -15.04 -1.55 16.18
C ARG B 242 -14.98 -0.73 14.90
#